data_8YTA
#
_entry.id   8YTA
#
_cell.length_a   76.182
_cell.length_b   133.184
_cell.length_c   101.468
_cell.angle_alpha   90.000
_cell.angle_beta   90.000
_cell.angle_gamma   90.000
#
_symmetry.space_group_name_H-M   'C 2 2 21'
#
loop_
_entity.id
_entity.type
_entity.pdbx_description
1 polymer "High affinity cAMP-specific and IBMX-insensitive 3',5'-cyclic phosphodiesterase 8A"
2 non-polymer 'ZINC ION'
3 non-polymer 'MAGNESIUM ION'
4 non-polymer 7-[(3-azanyl-5-chloranyl-phenyl)methyl]-8-[3-(4-chlorophenyl)propylsulfanyl]-3-methyl-purine-2,6-dione
5 water water
#
_entity_poly.entity_id   1
_entity_poly.type   'polypeptide(L)'
_entity_poly.pdbx_seq_one_letter_code
;VSSNIITPISLDDVPPRIARAMENEEYWDFDIFELEAATHNRPLIYLGLKMFARFGICEFLHCSESTLRSWLQIIEANYH
SSNPYHNSTHSADVLHATAYFLSKERIKETLDPIDEVAALIAATIHDVDHPGRTNSFLCNAGSELAILYNDTAVLESHHA
ALAFQLTTGDDKCNIFKNMERNDYRTLRQGIIDMVLATEMTKHFEHVNKFVNSINKPLATLEENGETDKNQEVINTMLRT
PENRTLIKRMLIKCADVSNPCRPLQYCIEWAARISEEYFSQTDEEKQQGLPVVMPVFDRNTCSIPKSQISFIDYFITDMF
DAWDAFVDLPDLMQHLDNNFKYWKGLDEMKLRNLRPPPE
;
_entity_poly.pdbx_strand_id   A
#
# COMPACT_ATOMS: atom_id res chain seq x y z
N ASP A 12 -13.71 -22.74 -3.49
CA ASP A 12 -12.91 -23.20 -4.63
C ASP A 12 -11.83 -24.19 -4.20
N ASP A 13 -11.73 -25.31 -4.91
CA ASP A 13 -10.66 -26.27 -4.68
C ASP A 13 -9.30 -25.59 -4.85
N VAL A 14 -8.56 -25.51 -3.75
CA VAL A 14 -7.25 -24.87 -3.75
C VAL A 14 -6.26 -25.86 -3.15
N PRO A 15 -5.03 -25.96 -3.66
CA PRO A 15 -4.02 -26.82 -3.05
C PRO A 15 -3.96 -26.61 -1.55
N PRO A 16 -3.94 -27.69 -0.76
CA PRO A 16 -4.04 -27.54 0.70
C PRO A 16 -2.98 -26.64 1.30
N ARG A 17 -1.72 -26.80 0.89
CA ARG A 17 -0.64 -25.97 1.44
C ARG A 17 -0.92 -24.49 1.23
N ILE A 18 -1.39 -24.12 0.04
CA ILE A 18 -1.75 -22.73 -0.23
C ILE A 18 -2.99 -22.34 0.56
N ALA A 19 -3.93 -23.28 0.74
CA ALA A 19 -5.11 -22.99 1.55
C ALA A 19 -4.75 -22.93 3.03
N ARG A 20 -3.80 -23.74 3.47
CA ARG A 20 -3.31 -23.65 4.84
C ARG A 20 -2.56 -22.34 5.07
N ALA A 21 -1.86 -21.84 4.06
CA ALA A 21 -1.12 -20.58 4.16
C ALA A 21 -2.02 -19.36 4.10
N MET A 22 -3.31 -19.53 3.80
CA MET A 22 -4.26 -18.43 3.75
C MET A 22 -5.32 -18.51 4.84
N GLU A 23 -5.07 -19.31 5.88
CA GLU A 23 -6.13 -19.61 6.85
C GLU A 23 -6.55 -18.37 7.62
N ASN A 24 -5.60 -17.60 8.12
CA ASN A 24 -5.91 -16.49 9.01
C ASN A 24 -5.51 -15.14 8.42
N GLU A 25 -6.00 -14.84 7.22
CA GLU A 25 -5.69 -13.56 6.58
C GLU A 25 -6.33 -12.38 7.30
N GLU A 26 -7.32 -12.64 8.17
CA GLU A 26 -7.96 -11.55 8.90
C GLU A 26 -7.08 -10.98 10.00
N TYR A 27 -6.04 -11.71 10.41
CA TYR A 27 -5.17 -11.27 11.50
C TYR A 27 -3.98 -10.48 10.96
N TRP A 28 -3.52 -9.52 11.77
CA TRP A 28 -2.32 -8.78 11.42
C TRP A 28 -1.09 -9.69 11.40
N ASP A 29 -1.05 -10.66 12.31
CA ASP A 29 0.04 -11.63 12.38
C ASP A 29 -0.22 -12.69 11.32
N PHE A 30 0.42 -12.53 10.16
CA PHE A 30 0.14 -13.35 9.00
C PHE A 30 1.43 -13.69 8.27
N ASP A 31 1.61 -14.96 7.93
CA ASP A 31 2.85 -15.44 7.32
C ASP A 31 2.77 -15.21 5.81
N ILE A 32 3.16 -14.01 5.38
CA ILE A 32 3.08 -13.66 3.96
C ILE A 32 4.15 -14.40 3.17
N PHE A 33 5.28 -14.71 3.80
CA PHE A 33 6.38 -15.36 3.10
C PHE A 33 6.17 -16.87 2.93
N GLU A 34 5.38 -17.49 3.82
CA GLU A 34 4.95 -18.86 3.57
C GLU A 34 4.00 -18.92 2.38
N LEU A 35 3.09 -17.94 2.28
CA LEU A 35 2.23 -17.85 1.11
C LEU A 35 3.05 -17.64 -0.17
N GLU A 36 4.07 -16.80 -0.10
CA GLU A 36 4.94 -16.58 -1.25
C GLU A 36 5.58 -17.88 -1.72
N ALA A 37 6.14 -18.64 -0.78
CA ALA A 37 6.78 -19.90 -1.14
C ALA A 37 5.77 -20.94 -1.60
N ALA A 38 4.63 -21.03 -0.91
CA ALA A 38 3.63 -22.04 -1.26
C ALA A 38 3.05 -21.79 -2.66
N THR A 39 2.87 -20.53 -3.03
CA THR A 39 2.33 -20.16 -4.32
C THR A 39 3.39 -20.08 -5.41
N HIS A 40 4.66 -20.24 -5.06
CA HIS A 40 5.78 -20.10 -5.99
C HIS A 40 5.77 -18.70 -6.64
N ASN A 41 5.83 -17.69 -5.78
CA ASN A 41 5.87 -16.29 -6.19
C ASN A 41 4.61 -15.89 -6.97
N ARG A 42 3.46 -16.45 -6.56
CA ARG A 42 2.15 -16.00 -7.06
C ARG A 42 1.17 -15.79 -5.91
N PRO A 43 1.54 -15.01 -4.88
CA PRO A 43 0.62 -14.83 -3.74
C PRO A 43 -0.49 -13.84 -4.00
N LEU A 44 -0.35 -12.97 -5.00
CA LEU A 44 -1.34 -11.91 -5.21
C LEU A 44 -2.65 -12.48 -5.76
N ILE A 45 -2.57 -13.46 -6.65
CA ILE A 45 -3.79 -14.01 -7.24
C ILE A 45 -4.55 -14.85 -6.23
N TYR A 46 -3.84 -15.56 -5.35
CA TYR A 46 -4.50 -16.38 -4.34
C TYR A 46 -5.06 -15.52 -3.21
N LEU A 47 -4.28 -14.57 -2.70
CA LEU A 47 -4.79 -13.69 -1.66
C LEU A 47 -5.82 -12.72 -2.20
N GLY A 48 -5.65 -12.26 -3.45
CA GLY A 48 -6.61 -11.33 -4.02
C GLY A 48 -7.99 -11.95 -4.19
N LEU A 49 -8.04 -13.19 -4.66
CA LEU A 49 -9.32 -13.86 -4.86
C LEU A 49 -10.08 -13.97 -3.54
N LYS A 50 -9.41 -14.34 -2.46
CA LYS A 50 -10.09 -14.51 -1.18
C LYS A 50 -10.48 -13.16 -0.59
N MET A 51 -9.58 -12.17 -0.64
CA MET A 51 -9.90 -10.85 -0.10
C MET A 51 -11.07 -10.22 -0.87
N PHE A 52 -11.01 -10.26 -2.20
CA PHE A 52 -12.07 -9.66 -3.01
C PHE A 52 -13.40 -10.37 -2.78
N ALA A 53 -13.38 -11.69 -2.62
CA ALA A 53 -14.61 -12.43 -2.35
C ALA A 53 -15.13 -12.12 -0.95
N ARG A 54 -14.23 -11.98 0.02
CA ARG A 54 -14.64 -11.66 1.38
C ARG A 54 -15.27 -10.28 1.45
N PHE A 55 -14.92 -9.38 0.53
CA PHE A 55 -15.48 -8.04 0.48
C PHE A 55 -16.58 -7.90 -0.56
N GLY A 56 -16.95 -8.98 -1.23
CA GLY A 56 -18.02 -8.93 -2.24
C GLY A 56 -17.75 -7.95 -3.36
N ILE A 57 -16.51 -7.91 -3.86
CA ILE A 57 -16.14 -6.90 -4.84
C ILE A 57 -16.76 -7.20 -6.20
N CYS A 58 -16.75 -8.47 -6.62
CA CYS A 58 -17.32 -8.80 -7.92
C CYS A 58 -18.83 -8.69 -7.93
N GLU A 59 -19.48 -8.96 -6.79
CA GLU A 59 -20.91 -8.69 -6.71
C GLU A 59 -21.19 -7.19 -6.75
N PHE A 60 -20.25 -6.38 -6.28
CA PHE A 60 -20.38 -4.93 -6.42
C PHE A 60 -20.12 -4.47 -7.84
N LEU A 61 -19.07 -5.01 -8.46
CA LEU A 61 -18.64 -4.57 -9.79
C LEU A 61 -19.33 -5.32 -10.93
N HIS A 62 -20.15 -6.32 -10.62
CA HIS A 62 -20.77 -7.16 -11.65
C HIS A 62 -19.72 -7.85 -12.52
N CYS A 63 -18.66 -8.35 -11.89
CA CYS A 63 -17.65 -9.13 -12.58
C CYS A 63 -17.81 -10.61 -12.22
N SER A 64 -17.53 -11.46 -13.20
CA SER A 64 -17.44 -12.88 -12.92
C SER A 64 -16.12 -13.19 -12.21
N GLU A 65 -16.08 -14.34 -11.54
CA GLU A 65 -14.84 -14.77 -10.93
C GLU A 65 -13.75 -14.98 -11.98
N SER A 66 -14.15 -15.42 -13.18
CA SER A 66 -13.17 -15.66 -14.24
C SER A 66 -12.50 -14.36 -14.67
N THR A 67 -13.27 -13.28 -14.78
CA THR A 67 -12.68 -11.99 -15.12
C THR A 67 -11.72 -11.51 -14.03
N LEU A 68 -12.05 -11.78 -12.77
CA LEU A 68 -11.18 -11.39 -11.67
C LEU A 68 -9.89 -12.20 -11.68
N ARG A 69 -9.99 -13.50 -11.96
CA ARG A 69 -8.78 -14.34 -12.01
C ARG A 69 -7.84 -13.89 -13.12
N SER A 70 -8.40 -13.53 -14.28
CA SER A 70 -7.56 -13.02 -15.36
C SER A 70 -6.95 -11.66 -15.00
N TRP A 71 -7.70 -10.83 -14.27
CA TRP A 71 -7.20 -9.52 -13.90
C TRP A 71 -6.07 -9.62 -12.89
N LEU A 72 -6.27 -10.41 -11.82
CA LEU A 72 -5.21 -10.62 -10.85
C LEU A 72 -3.99 -11.26 -11.49
N GLN A 73 -4.20 -12.11 -12.50
CA GLN A 73 -3.08 -12.76 -13.18
C GLN A 73 -2.26 -11.77 -13.98
N ILE A 74 -2.93 -10.86 -14.70
CA ILE A 74 -2.19 -9.94 -15.56
C ILE A 74 -1.51 -8.85 -14.74
N ILE A 75 -2.09 -8.47 -13.60
CA ILE A 75 -1.42 -7.51 -12.71
C ILE A 75 -0.19 -8.14 -12.09
N GLU A 76 -0.34 -9.34 -11.52
CA GLU A 76 0.78 -10.02 -10.88
C GLU A 76 1.90 -10.30 -11.87
N ALA A 77 1.55 -10.68 -13.10
CA ALA A 77 2.57 -10.99 -14.09
C ALA A 77 3.43 -9.77 -14.42
N ASN A 78 2.86 -8.57 -14.33
CA ASN A 78 3.61 -7.35 -14.57
C ASN A 78 4.35 -6.84 -13.35
N TYR A 79 4.32 -7.58 -12.23
CA TYR A 79 5.20 -7.31 -11.11
C TYR A 79 6.50 -8.08 -11.31
N HIS A 80 7.61 -7.37 -11.36
CA HIS A 80 8.91 -7.98 -11.64
C HIS A 80 9.31 -8.86 -10.47
N SER A 81 9.30 -10.19 -10.67
CA SER A 81 9.69 -11.10 -9.62
C SER A 81 11.19 -11.05 -9.34
N SER A 82 11.99 -10.51 -10.27
CA SER A 82 13.41 -10.34 -10.05
C SER A 82 13.74 -9.16 -9.14
N ASN A 83 12.76 -8.30 -8.85
CA ASN A 83 12.98 -7.26 -7.85
C ASN A 83 12.97 -7.88 -6.46
N PRO A 84 13.97 -7.58 -5.62
CA PRO A 84 13.96 -8.15 -4.26
C PRO A 84 12.74 -7.73 -3.45
N TYR A 85 12.35 -6.46 -3.52
CA TYR A 85 11.26 -5.94 -2.72
C TYR A 85 10.01 -5.67 -3.55
N HIS A 86 10.11 -4.80 -4.56
CA HIS A 86 8.93 -4.37 -5.33
C HIS A 86 8.52 -5.46 -6.32
N ASN A 87 8.01 -6.56 -5.76
CA ASN A 87 7.46 -7.67 -6.53
C ASN A 87 6.01 -7.92 -6.06
N SER A 88 5.44 -9.02 -6.55
CA SER A 88 4.03 -9.31 -6.26
C SER A 88 3.79 -9.65 -4.80
N THR A 89 4.82 -10.06 -4.06
CA THR A 89 4.65 -10.30 -2.63
C THR A 89 4.43 -9.00 -1.87
N HIS A 90 5.11 -7.94 -2.28
CA HIS A 90 4.88 -6.62 -1.68
C HIS A 90 3.45 -6.16 -1.91
N SER A 91 2.95 -6.33 -3.14
CA SER A 91 1.57 -5.93 -3.43
C SER A 91 0.58 -6.73 -2.59
N ALA A 92 0.79 -8.03 -2.46
CA ALA A 92 -0.10 -8.84 -1.64
C ALA A 92 -0.02 -8.45 -0.17
N ASP A 93 1.19 -8.10 0.30
CA ASP A 93 1.35 -7.64 1.68
C ASP A 93 0.61 -6.32 1.91
N VAL A 94 0.77 -5.37 1.00
CA VAL A 94 0.06 -4.09 1.12
C VAL A 94 -1.44 -4.30 1.01
N LEU A 95 -1.86 -5.22 0.13
CA LEU A 95 -3.27 -5.57 0.05
C LEU A 95 -3.77 -6.14 1.38
N HIS A 96 -2.91 -6.90 2.06
CA HIS A 96 -3.30 -7.49 3.35
C HIS A 96 -3.48 -6.43 4.42
N ALA A 97 -2.59 -5.45 4.47
CA ALA A 97 -2.72 -4.38 5.46
C ALA A 97 -3.89 -3.47 5.13
N THR A 98 -4.14 -3.24 3.84
CA THR A 98 -5.29 -2.42 3.43
C THR A 98 -6.59 -3.06 3.89
N ALA A 99 -6.73 -4.37 3.68
CA ALA A 99 -7.92 -5.08 4.13
C ALA A 99 -8.05 -5.03 5.65
N TYR A 100 -6.92 -5.11 6.36
CA TYR A 100 -6.94 -5.05 7.82
C TYR A 100 -7.41 -3.68 8.29
N PHE A 101 -6.99 -2.60 7.62
CA PHE A 101 -7.43 -1.27 8.01
C PHE A 101 -8.90 -1.06 7.70
N LEU A 102 -9.38 -1.59 6.56
CA LEU A 102 -10.79 -1.45 6.23
C LEU A 102 -11.68 -2.20 7.21
N SER A 103 -11.16 -3.26 7.82
CA SER A 103 -11.93 -4.08 8.75
C SER A 103 -12.11 -3.40 10.11
N LYS A 104 -11.35 -2.37 10.41
CA LYS A 104 -11.42 -1.74 11.72
C LYS A 104 -12.67 -0.86 11.83
N GLU A 105 -13.21 -0.79 13.06
CA GLU A 105 -14.52 -0.22 13.29
C GLU A 105 -14.60 1.23 12.83
N ARG A 106 -13.56 2.03 13.12
CA ARG A 106 -13.55 3.42 12.70
C ARG A 106 -13.70 3.56 11.18
N ILE A 107 -12.97 2.74 10.43
CA ILE A 107 -12.95 2.89 8.98
C ILE A 107 -14.26 2.41 8.37
N LYS A 108 -14.87 1.36 8.94
CA LYS A 108 -16.13 0.85 8.41
C LYS A 108 -17.22 1.91 8.44
N GLU A 109 -17.31 2.67 9.53
CA GLU A 109 -18.41 3.60 9.74
C GLU A 109 -18.09 5.01 9.24
N THR A 110 -17.04 5.19 8.46
CA THR A 110 -16.74 6.48 7.84
C THR A 110 -16.68 6.41 6.33
N LEU A 111 -16.14 5.35 5.75
CA LEU A 111 -16.01 5.23 4.31
C LEU A 111 -17.14 4.40 3.73
N ASP A 112 -17.46 4.67 2.47
CA ASP A 112 -18.51 4.00 1.73
C ASP A 112 -17.97 2.75 1.04
N PRO A 113 -18.84 1.82 0.66
CA PRO A 113 -18.36 0.61 -0.05
C PRO A 113 -17.54 0.90 -1.29
N ILE A 114 -17.81 2.00 -1.99
CA ILE A 114 -17.01 2.32 -3.17
C ILE A 114 -15.60 2.73 -2.77
N ASP A 115 -15.43 3.27 -1.56
CA ASP A 115 -14.08 3.54 -1.06
C ASP A 115 -13.33 2.24 -0.78
N GLU A 116 -14.01 1.25 -0.19
CA GLU A 116 -13.40 -0.07 0.01
C GLU A 116 -12.92 -0.66 -1.30
N VAL A 117 -13.77 -0.62 -2.33
CA VAL A 117 -13.40 -1.16 -3.64
C VAL A 117 -12.19 -0.43 -4.19
N ALA A 118 -12.18 0.91 -4.06
CA ALA A 118 -11.05 1.68 -4.56
C ALA A 118 -9.76 1.35 -3.83
N ALA A 119 -9.86 1.14 -2.51
CA ALA A 119 -8.66 0.88 -1.71
C ALA A 119 -8.04 -0.46 -2.05
N LEU A 120 -8.87 -1.51 -2.14
CA LEU A 120 -8.35 -2.85 -2.38
C LEU A 120 -7.74 -2.98 -3.77
N ILE A 121 -8.32 -2.31 -4.76
CA ILE A 121 -7.74 -2.33 -6.10
C ILE A 121 -6.48 -1.48 -6.14
N ALA A 122 -6.52 -0.31 -5.50
CA ALA A 122 -5.35 0.58 -5.49
C ALA A 122 -4.15 -0.11 -4.86
N ALA A 123 -4.35 -0.76 -3.71
CA ALA A 123 -3.26 -1.49 -3.07
C ALA A 123 -2.71 -2.58 -3.98
N THR A 124 -3.60 -3.23 -4.74
CA THR A 124 -3.16 -4.32 -5.63
C THR A 124 -2.27 -3.79 -6.74
N ILE A 125 -2.58 -2.60 -7.26
CA ILE A 125 -1.94 -2.07 -8.46
C ILE A 125 -0.94 -0.98 -8.18
N HIS A 126 -0.79 -0.56 -6.91
CA HIS A 126 -0.08 0.69 -6.61
C HIS A 126 1.40 0.66 -6.99
N ASP A 127 1.97 -0.51 -7.31
CA ASP A 127 3.37 -0.59 -7.66
C ASP A 127 3.63 -1.47 -8.88
N VAL A 128 2.61 -1.68 -9.71
CA VAL A 128 2.76 -2.59 -10.85
C VAL A 128 3.83 -2.05 -11.80
N ASP A 129 4.65 -2.96 -12.34
CA ASP A 129 5.72 -2.65 -13.27
C ASP A 129 6.80 -1.76 -12.63
N HIS A 130 6.96 -1.85 -11.32
CA HIS A 130 8.05 -1.14 -10.66
C HIS A 130 9.39 -1.77 -11.05
N PRO A 131 10.39 -0.96 -11.38
CA PRO A 131 11.66 -1.53 -11.88
C PRO A 131 12.75 -1.63 -10.82
N GLY A 132 12.37 -1.53 -9.55
CA GLY A 132 13.37 -1.56 -8.49
C GLY A 132 14.29 -0.36 -8.48
N ARG A 133 13.84 0.77 -9.00
CA ARG A 133 14.62 2.00 -9.04
C ARG A 133 13.72 3.17 -8.66
N THR A 134 14.32 4.20 -8.08
CA THR A 134 13.56 5.34 -7.59
C THR A 134 13.19 6.28 -8.75
N ASN A 135 12.33 7.26 -8.42
CA ASN A 135 11.98 8.29 -9.39
C ASN A 135 13.18 9.13 -9.77
N SER A 136 14.00 9.51 -8.78
CA SER A 136 15.16 10.34 -9.06
C SER A 136 16.18 9.61 -9.93
N PHE A 137 16.21 8.28 -9.86
CA PHE A 137 17.06 7.52 -10.77
C PHE A 137 16.55 7.61 -12.20
N LEU A 138 15.24 7.47 -12.39
CA LEU A 138 14.68 7.53 -13.74
C LEU A 138 14.88 8.89 -14.37
N CYS A 139 14.70 9.97 -13.59
CA CYS A 139 14.89 11.31 -14.13
C CYS A 139 16.35 11.54 -14.52
N ASN A 140 17.28 11.26 -13.60
CA ASN A 140 18.70 11.49 -13.86
C ASN A 140 19.24 10.59 -14.96
N ALA A 141 18.59 9.46 -15.23
CA ALA A 141 19.02 8.58 -16.31
C ALA A 141 18.32 8.85 -17.63
N GLY A 142 17.35 9.75 -17.64
CA GLY A 142 16.60 10.01 -18.85
C GLY A 142 15.78 8.83 -19.33
N SER A 143 15.25 8.03 -18.39
CA SER A 143 14.45 6.87 -18.75
C SER A 143 13.24 7.28 -19.58
N GLU A 144 12.71 6.32 -20.34
CA GLU A 144 11.54 6.58 -21.18
C GLU A 144 10.36 7.04 -20.35
N LEU A 145 10.22 6.55 -19.12
CA LEU A 145 9.11 6.95 -18.27
C LEU A 145 9.29 8.37 -17.75
N ALA A 146 10.52 8.79 -17.50
CA ALA A 146 10.76 10.16 -17.04
C ALA A 146 10.46 11.17 -18.14
N ILE A 147 10.78 10.83 -19.40
CA ILE A 147 10.42 11.68 -20.52
C ILE A 147 8.92 11.69 -20.72
N LEU A 148 8.28 10.51 -20.58
CA LEU A 148 6.85 10.41 -20.79
C LEU A 148 6.06 11.20 -19.76
N TYR A 149 6.56 11.27 -18.53
CA TYR A 149 5.84 11.91 -17.44
C TYR A 149 6.51 13.19 -16.95
N ASN A 150 7.45 13.73 -17.74
CA ASN A 150 8.03 15.06 -17.50
C ASN A 150 8.64 15.16 -16.11
N ASP A 151 9.33 14.10 -15.68
CA ASP A 151 10.01 14.03 -14.38
C ASP A 151 9.07 14.31 -13.21
N THR A 152 7.77 14.07 -13.36
CA THR A 152 6.78 14.41 -12.35
C THR A 152 6.00 13.15 -11.98
N ALA A 153 6.16 12.70 -10.73
CA ALA A 153 5.46 11.52 -10.21
C ALA A 153 5.58 10.35 -11.19
N VAL A 154 6.82 10.05 -11.57
CA VAL A 154 7.08 9.16 -12.71
C VAL A 154 6.51 7.77 -12.45
N LEU A 155 6.96 7.12 -11.38
CA LEU A 155 6.54 5.74 -11.13
C LEU A 155 5.06 5.66 -10.81
N GLU A 156 4.56 6.55 -9.95
CA GLU A 156 3.17 6.46 -9.51
C GLU A 156 2.20 6.73 -10.66
N SER A 157 2.54 7.66 -11.55
CA SER A 157 1.72 7.86 -12.74
C SER A 157 1.73 6.63 -13.63
N HIS A 158 2.88 5.97 -13.73
CA HIS A 158 2.98 4.76 -14.54
C HIS A 158 2.21 3.61 -13.92
N HIS A 159 2.21 3.51 -12.58
CA HIS A 159 1.52 2.41 -11.91
C HIS A 159 0.03 2.44 -12.22
N ALA A 160 -0.59 3.62 -12.12
CA ALA A 160 -2.02 3.73 -12.39
C ALA A 160 -2.31 3.60 -13.89
N ALA A 161 -1.47 4.23 -14.72
CA ALA A 161 -1.74 4.24 -16.17
C ALA A 161 -1.67 2.84 -16.76
N LEU A 162 -0.59 2.12 -16.50
CA LEU A 162 -0.45 0.76 -17.05
C LEU A 162 -1.53 -0.16 -16.49
N ALA A 163 -1.90 0.02 -15.22
CA ALA A 163 -2.93 -0.82 -14.63
C ALA A 163 -4.25 -0.69 -15.37
N PHE A 164 -4.59 0.54 -15.80
CA PHE A 164 -5.82 0.73 -16.55
C PHE A 164 -5.68 0.33 -18.01
N GLN A 165 -4.47 0.41 -18.56
CA GLN A 165 -4.24 -0.13 -19.91
C GLN A 165 -4.48 -1.63 -19.94
N LEU A 166 -3.91 -2.35 -18.97
CA LEU A 166 -4.08 -3.80 -18.92
C LEU A 166 -5.53 -4.18 -18.63
N THR A 167 -6.18 -3.42 -17.74
CA THR A 167 -7.53 -3.78 -17.31
C THR A 167 -8.54 -3.61 -18.45
N THR A 168 -8.62 -2.40 -19.01
CA THR A 168 -9.64 -2.08 -20.00
C THR A 168 -9.21 -2.35 -21.43
N GLY A 169 -7.95 -2.72 -21.66
CA GLY A 169 -7.49 -3.06 -22.98
C GLY A 169 -7.80 -4.47 -23.43
N ASP A 170 -8.60 -5.21 -22.66
CA ASP A 170 -8.94 -6.58 -22.98
C ASP A 170 -10.22 -6.93 -22.24
N ASP A 171 -11.22 -7.42 -22.97
CA ASP A 171 -12.52 -7.71 -22.37
C ASP A 171 -12.44 -8.83 -21.34
N LYS A 172 -11.42 -9.68 -21.41
CA LYS A 172 -11.27 -10.76 -20.44
C LYS A 172 -10.83 -10.22 -19.08
N CYS A 173 -10.13 -9.09 -19.06
CA CYS A 173 -9.56 -8.55 -17.83
C CYS A 173 -10.37 -7.39 -17.26
N ASN A 174 -11.28 -6.80 -18.03
CA ASN A 174 -11.97 -5.58 -17.59
C ASN A 174 -12.95 -5.93 -16.49
N ILE A 175 -12.53 -5.73 -15.24
CA ILE A 175 -13.41 -5.90 -14.09
C ILE A 175 -14.36 -4.73 -13.90
N PHE A 176 -14.34 -3.74 -14.80
CA PHE A 176 -15.21 -2.58 -14.73
C PHE A 176 -16.28 -2.56 -15.80
N LYS A 177 -16.25 -3.49 -16.76
CA LYS A 177 -17.04 -3.33 -17.99
C LYS A 177 -18.54 -3.31 -17.74
N ASN A 178 -19.02 -3.87 -16.63
CA ASN A 178 -20.44 -3.96 -16.36
C ASN A 178 -20.93 -2.95 -15.33
N MET A 179 -20.13 -1.92 -15.05
CA MET A 179 -20.52 -0.93 -14.06
C MET A 179 -21.40 0.15 -14.68
N GLU A 180 -22.19 0.81 -13.83
CA GLU A 180 -22.83 2.05 -14.24
C GLU A 180 -21.73 3.13 -14.32
N ARG A 181 -21.76 3.91 -15.41
CA ARG A 181 -20.57 4.64 -15.79
C ARG A 181 -20.32 5.90 -14.95
N ASN A 182 -21.27 6.33 -14.14
CA ASN A 182 -20.95 7.34 -13.14
C ASN A 182 -20.23 6.71 -11.96
N ASP A 183 -20.60 5.48 -11.59
CA ASP A 183 -19.88 4.76 -10.54
C ASP A 183 -18.45 4.47 -10.99
N TYR A 184 -18.25 4.15 -12.27
CA TYR A 184 -16.90 3.92 -12.76
C TYR A 184 -16.10 5.21 -12.82
N ARG A 185 -16.75 6.34 -13.09
CA ARG A 185 -16.05 7.62 -13.13
C ARG A 185 -15.47 7.96 -11.76
N THR A 186 -16.25 7.75 -10.70
CA THR A 186 -15.78 8.06 -9.35
C THR A 186 -14.78 7.01 -8.85
N LEU A 187 -15.00 5.74 -9.22
CA LEU A 187 -14.09 4.68 -8.79
C LEU A 187 -12.70 4.87 -9.41
N ARG A 188 -12.65 5.20 -10.70
CA ARG A 188 -11.36 5.41 -11.35
C ARG A 188 -10.62 6.59 -10.75
N GLN A 189 -11.32 7.68 -10.46
CA GLN A 189 -10.68 8.85 -9.86
C GLN A 189 -10.15 8.53 -8.47
N GLY A 190 -10.90 7.76 -7.69
CA GLY A 190 -10.45 7.41 -6.35
C GLY A 190 -9.22 6.50 -6.38
N ILE A 191 -9.21 5.51 -7.27
CA ILE A 191 -8.05 4.63 -7.41
C ILE A 191 -6.83 5.45 -7.78
N ILE A 192 -6.95 6.31 -8.79
CA ILE A 192 -5.82 7.13 -9.23
C ILE A 192 -5.33 8.02 -8.09
N ASP A 193 -6.25 8.57 -7.30
CA ASP A 193 -5.86 9.47 -6.22
C ASP A 193 -5.07 8.72 -5.14
N MET A 194 -5.45 7.47 -4.87
CA MET A 194 -4.74 6.71 -3.84
C MET A 194 -3.38 6.22 -4.35
N VAL A 195 -3.31 5.84 -5.62
CA VAL A 195 -2.02 5.40 -6.18
C VAL A 195 -1.03 6.56 -6.19
N LEU A 196 -1.49 7.73 -6.65
CA LEU A 196 -0.61 8.89 -6.69
C LEU A 196 -0.24 9.37 -5.29
N ALA A 197 -1.09 9.11 -4.30
CA ALA A 197 -0.80 9.50 -2.93
C ALA A 197 0.40 8.78 -2.34
N THR A 198 0.85 7.70 -2.97
CA THR A 198 1.98 6.92 -2.46
C THR A 198 3.34 7.48 -2.87
N GLU A 199 3.37 8.57 -3.64
CA GLU A 199 4.65 9.17 -4.00
C GLU A 199 5.34 9.73 -2.76
N MET A 200 6.66 9.54 -2.69
CA MET A 200 7.41 9.87 -1.48
C MET A 200 7.33 11.35 -1.15
N THR A 201 7.57 12.22 -2.15
CA THR A 201 7.67 13.65 -1.87
C THR A 201 6.37 14.24 -1.33
N LYS A 202 5.24 13.56 -1.50
CA LYS A 202 3.95 14.00 -0.98
C LYS A 202 3.73 13.59 0.47
N HIS A 203 4.74 13.03 1.13
CA HIS A 203 4.52 12.41 2.43
C HIS A 203 4.04 13.42 3.46
N PHE A 204 4.86 14.43 3.75
CA PHE A 204 4.52 15.36 4.83
C PHE A 204 3.30 16.20 4.49
N GLU A 205 3.03 16.42 3.20
CA GLU A 205 1.80 17.11 2.82
C GLU A 205 0.58 16.30 3.22
N HIS A 206 0.59 14.99 2.92
CA HIS A 206 -0.57 14.16 3.21
C HIS A 206 -0.71 13.85 4.70
N VAL A 207 0.42 13.74 5.42
CA VAL A 207 0.34 13.50 6.86
C VAL A 207 -0.22 14.73 7.58
N ASN A 208 0.25 15.93 7.21
CA ASN A 208 -0.19 17.13 7.91
C ASN A 208 -1.68 17.39 7.71
N LYS A 209 -2.17 17.20 6.47
CA LYS A 209 -3.59 17.45 6.22
C LYS A 209 -4.47 16.47 6.98
N PHE A 210 -3.99 15.24 7.17
CA PHE A 210 -4.75 14.27 7.97
C PHE A 210 -4.81 14.71 9.43
N VAL A 211 -3.70 15.21 9.97
CA VAL A 211 -3.70 15.69 11.35
C VAL A 211 -4.59 16.92 11.49
N ASN A 212 -4.52 17.84 10.52
CA ASN A 212 -5.19 19.13 10.66
C ASN A 212 -6.68 19.04 10.39
N SER A 213 -7.10 18.20 9.45
CA SER A 213 -8.51 18.11 9.09
C SER A 213 -9.25 16.96 9.75
N ILE A 214 -8.54 15.94 10.23
CA ILE A 214 -9.19 14.77 10.80
C ILE A 214 -8.88 14.66 12.28
N ASN A 215 -7.59 14.60 12.63
CA ASN A 215 -7.20 14.32 14.01
C ASN A 215 -7.53 15.48 14.95
N LYS A 216 -7.13 16.70 14.58
CA LYS A 216 -7.34 17.83 15.48
C LYS A 216 -8.82 18.20 15.64
N PRO A 217 -9.62 18.31 14.57
CA PRO A 217 -11.05 18.62 14.79
C PRO A 217 -11.79 17.52 15.53
N LEU A 218 -11.49 16.26 15.24
CA LEU A 218 -12.10 15.16 15.98
C LEU A 218 -11.76 15.25 17.46
N ALA A 219 -10.48 15.46 17.77
CA ALA A 219 -10.07 15.58 19.17
C ALA A 219 -10.78 16.74 19.85
N THR A 220 -11.00 17.84 19.13
CA THR A 220 -11.75 18.96 19.69
C THR A 220 -13.17 18.56 20.03
N LEU A 221 -13.82 17.77 19.16
CA LEU A 221 -15.21 17.38 19.36
C LEU A 221 -15.38 16.27 20.38
N GLU A 222 -14.35 15.44 20.61
CA GLU A 222 -14.48 14.33 21.54
C GLU A 222 -14.43 14.78 22.99
N GLU A 223 -13.87 15.96 23.27
CA GLU A 223 -13.96 16.60 24.57
C GLU A 223 -15.26 17.39 24.74
N ASN A 224 -16.31 17.03 23.99
CA ASN A 224 -17.65 17.55 24.21
C ASN A 224 -18.55 16.55 24.93
N GLY A 225 -18.03 15.36 25.24
CA GLY A 225 -18.83 14.31 25.84
C GLY A 225 -19.38 13.35 24.81
N GLU A 226 -20.03 12.31 25.31
CA GLU A 226 -20.65 11.29 24.47
C GLU A 226 -22.08 11.64 24.10
N THR A 227 -22.40 12.92 23.90
CA THR A 227 -23.76 13.30 23.58
C THR A 227 -24.14 12.74 22.21
N ASP A 228 -25.37 12.23 22.12
CA ASP A 228 -25.83 11.59 20.89
C ASP A 228 -25.87 12.57 19.72
N LYS A 229 -26.01 13.87 19.98
CA LYS A 229 -25.92 14.86 18.93
C LYS A 229 -24.48 15.18 18.55
N ASN A 230 -23.53 14.96 19.47
CA ASN A 230 -22.12 15.09 19.12
C ASN A 230 -21.72 13.99 18.14
N GLN A 231 -22.24 12.77 18.33
CA GLN A 231 -21.89 11.67 17.46
C GLN A 231 -22.33 11.93 16.02
N GLU A 232 -23.49 12.55 15.84
CA GLU A 232 -23.97 12.83 14.49
C GLU A 232 -23.20 13.97 13.84
N VAL A 233 -22.77 14.95 14.64
CA VAL A 233 -21.93 16.02 14.11
C VAL A 233 -20.55 15.48 13.72
N ILE A 234 -20.03 14.54 14.52
CA ILE A 234 -18.75 13.91 14.19
C ILE A 234 -18.86 13.14 12.88
N ASN A 235 -19.95 12.37 12.72
CA ASN A 235 -20.17 11.65 11.46
C ASN A 235 -20.31 12.62 10.29
N THR A 236 -20.93 13.78 10.52
CA THR A 236 -21.11 14.76 9.46
C THR A 236 -19.78 15.25 8.94
N MET A 237 -18.90 15.72 9.83
CA MET A 237 -17.61 16.25 9.43
C MET A 237 -16.72 15.17 8.81
N LEU A 238 -16.80 13.93 9.31
CA LEU A 238 -15.87 12.91 8.88
C LEU A 238 -16.17 12.39 7.48
N ARG A 239 -17.45 12.18 7.17
CA ARG A 239 -17.85 11.51 5.94
C ARG A 239 -17.98 12.45 4.75
N THR A 240 -17.49 13.68 4.87
CA THR A 240 -17.44 14.57 3.72
C THR A 240 -16.50 13.98 2.67
N PRO A 241 -16.78 14.22 1.38
CA PRO A 241 -15.95 13.60 0.33
C PRO A 241 -14.49 14.02 0.40
N GLU A 242 -14.20 15.25 0.80
CA GLU A 242 -12.81 15.66 0.94
C GLU A 242 -12.13 14.90 2.06
N ASN A 243 -12.80 14.74 3.21
CA ASN A 243 -12.21 14.04 4.34
C ASN A 243 -12.10 12.55 4.09
N ARG A 244 -12.98 11.99 3.26
CA ARG A 244 -12.83 10.58 2.90
C ARG A 244 -11.67 10.38 1.93
N THR A 245 -11.37 11.40 1.12
CA THR A 245 -10.14 11.37 0.33
C THR A 245 -8.91 11.40 1.23
N LEU A 246 -8.98 12.16 2.33
CA LEU A 246 -7.84 12.26 3.25
C LEU A 246 -7.64 10.94 4.00
N ILE A 247 -8.73 10.28 4.39
CA ILE A 247 -8.61 9.00 5.09
C ILE A 247 -8.11 7.93 4.14
N LYS A 248 -8.55 7.96 2.88
CA LYS A 248 -8.09 6.96 1.92
C LYS A 248 -6.61 7.11 1.61
N ARG A 249 -6.12 8.36 1.55
CA ARG A 249 -4.70 8.57 1.32
C ARG A 249 -3.88 8.10 2.52
N MET A 250 -4.32 8.45 3.73
CA MET A 250 -3.61 8.03 4.92
C MET A 250 -3.57 6.51 5.02
N LEU A 251 -4.67 5.86 4.64
CA LEU A 251 -4.76 4.40 4.74
C LEU A 251 -3.78 3.73 3.77
N ILE A 252 -3.78 4.16 2.51
CA ILE A 252 -2.90 3.54 1.53
C ILE A 252 -1.44 3.87 1.83
N LYS A 253 -1.17 5.06 2.37
CA LYS A 253 0.20 5.40 2.73
C LYS A 253 0.70 4.54 3.89
N CYS A 254 -0.19 4.21 4.83
CA CYS A 254 0.22 3.39 5.97
C CYS A 254 0.39 1.93 5.57
N ALA A 255 -0.50 1.43 4.71
CA ALA A 255 -0.37 0.04 4.26
C ALA A 255 0.88 -0.15 3.42
N ASP A 256 1.27 0.88 2.65
CA ASP A 256 2.42 0.76 1.76
C ASP A 256 3.70 0.50 2.54
N VAL A 257 3.90 1.21 3.65
CA VAL A 257 5.15 1.12 4.40
C VAL A 257 4.88 0.59 5.80
N SER A 258 3.98 -0.38 5.90
CA SER A 258 3.62 -0.98 7.19
C SER A 258 4.61 -2.03 7.66
N ASN A 259 5.70 -2.26 6.91
CA ASN A 259 6.67 -3.29 7.28
C ASN A 259 7.21 -3.15 8.69
N PRO A 260 7.62 -1.98 9.18
CA PRO A 260 8.12 -1.90 10.56
C PRO A 260 7.09 -2.23 11.62
N CYS A 261 5.79 -2.23 11.28
CA CYS A 261 4.74 -2.56 12.23
C CYS A 261 4.36 -4.03 12.19
N ARG A 262 5.14 -4.87 11.52
CA ARG A 262 4.88 -6.29 11.40
C ARG A 262 5.63 -7.05 12.48
N PRO A 263 5.33 -8.34 12.66
CA PRO A 263 6.17 -9.19 13.52
C PRO A 263 7.64 -9.11 13.09
N LEU A 264 8.53 -9.27 14.07
CA LEU A 264 9.94 -8.94 13.87
C LEU A 264 10.55 -9.72 12.72
N GLN A 265 10.25 -11.02 12.62
CA GLN A 265 10.84 -11.83 11.56
C GLN A 265 10.48 -11.32 10.18
N TYR A 266 9.25 -10.80 10.02
CA TYR A 266 8.86 -10.23 8.74
C TYR A 266 9.46 -8.84 8.54
N CYS A 267 9.47 -8.02 9.60
CA CYS A 267 10.08 -6.70 9.52
C CYS A 267 11.54 -6.78 9.07
N ILE A 268 12.24 -7.83 9.51
CA ILE A 268 13.64 -7.98 9.14
C ILE A 268 13.78 -8.35 7.67
N GLU A 269 12.94 -9.28 7.20
CA GLU A 269 13.01 -9.68 5.80
C GLU A 269 12.65 -8.53 4.87
N TRP A 270 11.66 -7.73 5.25
CA TRP A 270 11.30 -6.55 4.44
C TRP A 270 12.46 -5.58 4.36
N ALA A 271 13.16 -5.36 5.49
CA ALA A 271 14.29 -4.44 5.49
C ALA A 271 15.42 -4.93 4.59
N ALA A 272 15.71 -6.23 4.63
CA ALA A 272 16.77 -6.78 3.79
C ALA A 272 16.41 -6.65 2.31
N ARG A 273 15.16 -6.93 1.96
CA ARG A 273 14.75 -6.88 0.56
C ARG A 273 14.84 -5.46 0.01
N ILE A 274 14.31 -4.48 0.76
CA ILE A 274 14.32 -3.10 0.26
C ILE A 274 15.73 -2.53 0.27
N SER A 275 16.57 -2.95 1.23
CA SER A 275 17.95 -2.45 1.26
C SER A 275 18.72 -2.89 0.02
N GLU A 276 18.54 -4.15 -0.39
CA GLU A 276 19.24 -4.65 -1.57
C GLU A 276 18.83 -3.86 -2.82
N GLU A 277 17.57 -3.44 -2.89
CA GLU A 277 17.11 -2.66 -4.03
C GLU A 277 17.79 -1.31 -4.09
N TYR A 278 17.99 -0.66 -2.94
CA TYR A 278 18.68 0.62 -2.91
C TYR A 278 20.18 0.47 -3.03
N PHE A 279 20.75 -0.61 -2.48
CA PHE A 279 22.17 -0.88 -2.70
C PHE A 279 22.44 -1.12 -4.18
N SER A 280 21.53 -1.82 -4.87
CA SER A 280 21.72 -2.10 -6.29
C SER A 280 21.66 -0.83 -7.11
N GLN A 281 20.75 0.08 -6.78
CA GLN A 281 20.65 1.35 -7.51
C GLN A 281 21.92 2.18 -7.33
N THR A 282 22.49 2.17 -6.12
CA THR A 282 23.75 2.87 -5.90
C THR A 282 24.88 2.25 -6.72
N ASP A 283 24.91 0.92 -6.80
CA ASP A 283 25.90 0.24 -7.62
C ASP A 283 25.83 0.71 -9.08
N GLU A 284 24.62 0.77 -9.63
CA GLU A 284 24.47 1.17 -11.02
C GLU A 284 24.80 2.64 -11.21
N GLU A 285 24.48 3.49 -10.23
CA GLU A 285 24.75 4.92 -10.36
C GLU A 285 26.26 5.18 -10.38
N LYS A 286 27.02 4.47 -9.56
CA LYS A 286 28.48 4.61 -9.59
C LYS A 286 29.05 4.11 -10.90
N GLN A 287 28.49 3.02 -11.44
CA GLN A 287 29.04 2.40 -12.63
C GLN A 287 28.67 3.14 -13.92
N GLN A 288 27.66 4.01 -13.88
CA GLN A 288 27.32 4.84 -15.04
C GLN A 288 27.76 6.28 -14.87
N GLY A 289 28.41 6.63 -13.76
CA GLY A 289 28.78 8.01 -13.51
C GLY A 289 27.58 8.92 -13.30
N LEU A 290 26.45 8.37 -12.87
CA LEU A 290 25.26 9.15 -12.62
C LEU A 290 25.30 9.80 -11.24
N PRO A 291 24.63 10.93 -11.06
CA PRO A 291 24.59 11.56 -9.73
C PRO A 291 23.92 10.64 -8.72
N VAL A 292 24.64 10.31 -7.65
CA VAL A 292 24.15 9.39 -6.65
C VAL A 292 23.08 10.11 -5.82
N VAL A 293 21.84 9.59 -5.85
CA VAL A 293 20.68 10.31 -5.35
C VAL A 293 20.49 10.12 -3.85
N MET A 294 20.43 8.87 -3.39
CA MET A 294 20.46 8.63 -1.96
C MET A 294 21.86 8.14 -1.65
N PRO A 295 22.81 9.05 -1.43
CA PRO A 295 24.21 8.65 -1.48
C PRO A 295 24.58 7.73 -0.34
N VAL A 296 23.65 7.48 0.57
CA VAL A 296 23.94 6.84 1.83
C VAL A 296 23.67 5.34 1.82
N PHE A 297 22.74 4.87 0.99
CA PHE A 297 22.41 3.45 0.89
C PHE A 297 23.39 2.79 -0.09
N ASP A 298 24.61 2.62 0.41
CA ASP A 298 25.72 2.01 -0.33
C ASP A 298 26.14 0.76 0.42
N ARG A 299 26.17 -0.38 -0.29
CA ARG A 299 26.34 -1.67 0.38
C ARG A 299 27.68 -1.76 1.11
N ASN A 300 28.69 -1.01 0.67
CA ASN A 300 30.02 -1.09 1.26
C ASN A 300 30.16 -0.23 2.51
N THR A 301 29.12 0.48 2.92
CA THR A 301 29.18 1.38 4.07
C THR A 301 27.94 1.38 4.94
N CYS A 302 26.78 0.99 4.43
CA CYS A 302 25.52 1.27 5.09
C CYS A 302 25.20 0.22 6.14
N SER A 303 24.80 0.68 7.32
CA SER A 303 24.29 -0.18 8.37
C SER A 303 22.77 -0.27 8.23
N ILE A 304 22.28 -1.46 7.87
CA ILE A 304 20.83 -1.65 7.73
C ILE A 304 20.10 -1.36 9.02
N PRO A 305 20.54 -1.81 10.20
CA PRO A 305 19.82 -1.44 11.44
C PRO A 305 19.71 0.06 11.66
N LYS A 306 20.82 0.80 11.47
CA LYS A 306 20.76 2.24 11.63
C LYS A 306 19.84 2.88 10.60
N SER A 307 19.84 2.36 9.38
CA SER A 307 18.98 2.90 8.34
C SER A 307 17.50 2.67 8.66
N GLN A 308 17.17 1.51 9.23
CA GLN A 308 15.79 1.24 9.61
C GLN A 308 15.34 2.20 10.70
N ILE A 309 16.24 2.56 11.61
CA ILE A 309 15.91 3.56 12.63
C ILE A 309 15.65 4.92 12.00
N SER A 310 16.48 5.30 11.02
CA SER A 310 16.26 6.56 10.32
C SER A 310 14.95 6.55 9.56
N PHE A 311 14.61 5.43 8.92
CA PHE A 311 13.36 5.34 8.18
C PHE A 311 12.16 5.46 9.11
N ILE A 312 12.20 4.74 10.24
CA ILE A 312 11.10 4.82 11.20
C ILE A 312 10.99 6.23 11.77
N ASP A 313 12.13 6.85 12.09
CA ASP A 313 12.11 8.20 12.64
C ASP A 313 11.48 9.19 11.67
N TYR A 314 11.79 9.08 10.39
CA TYR A 314 11.43 10.10 9.42
C TYR A 314 10.05 9.91 8.82
N PHE A 315 9.66 8.67 8.54
CA PHE A 315 8.41 8.38 7.84
C PHE A 315 7.35 7.72 8.70
N ILE A 316 7.75 6.83 9.61
CA ILE A 316 6.79 5.92 10.24
C ILE A 316 6.22 6.47 11.53
N THR A 317 7.07 7.09 12.37
CA THR A 317 6.68 7.39 13.74
C THR A 317 5.47 8.31 13.80
N ASP A 318 5.57 9.49 13.17
CA ASP A 318 4.48 10.46 13.26
C ASP A 318 3.27 10.03 12.46
N MET A 319 3.49 9.37 11.31
CA MET A 319 2.37 8.97 10.46
C MET A 319 1.50 7.93 11.16
N PHE A 320 2.11 6.81 11.57
CA PHE A 320 1.36 5.81 12.32
C PHE A 320 0.91 6.33 13.68
N ASP A 321 1.55 7.39 14.19
CA ASP A 321 1.05 8.05 15.39
C ASP A 321 -0.34 8.61 15.14
N ALA A 322 -0.51 9.34 14.03
CA ALA A 322 -1.81 9.91 13.71
C ALA A 322 -2.81 8.83 13.30
N TRP A 323 -2.34 7.82 12.56
CA TRP A 323 -3.22 6.75 12.10
C TRP A 323 -3.70 5.89 13.26
N ASP A 324 -2.85 5.68 14.26
CA ASP A 324 -3.25 4.89 15.42
C ASP A 324 -4.25 5.64 16.29
N ALA A 325 -4.03 6.95 16.50
CA ALA A 325 -4.95 7.72 17.31
C ALA A 325 -6.35 7.77 16.69
N PHE A 326 -6.44 7.62 15.37
CA PHE A 326 -7.72 7.71 14.68
C PHE A 326 -8.42 6.36 14.53
N VAL A 327 -7.66 5.26 14.50
CA VAL A 327 -8.22 3.96 14.16
C VAL A 327 -8.05 2.99 15.34
N ASP A 328 -7.05 3.24 16.19
CA ASP A 328 -6.68 2.38 17.31
C ASP A 328 -6.08 1.08 16.80
N LEU A 329 -4.75 1.02 16.74
CA LEU A 329 -4.01 -0.11 16.21
C LEU A 329 -2.93 -0.52 17.21
N PRO A 330 -3.32 -1.19 18.30
CA PRO A 330 -2.32 -1.56 19.32
C PRO A 330 -1.26 -2.52 18.81
N ASP A 331 -1.67 -3.60 18.14
CA ASP A 331 -0.70 -4.59 17.65
C ASP A 331 0.39 -3.94 16.81
N LEU A 332 0.02 -3.03 15.91
CA LEU A 332 1.00 -2.39 15.05
C LEU A 332 1.97 -1.53 15.85
N MET A 333 1.46 -0.79 16.84
CA MET A 333 2.33 0.10 17.61
C MET A 333 3.26 -0.70 18.52
N GLN A 334 2.78 -1.82 19.07
CA GLN A 334 3.63 -2.63 19.94
C GLN A 334 4.68 -3.37 19.13
N HIS A 335 4.34 -3.79 17.90
CA HIS A 335 5.35 -4.35 17.00
C HIS A 335 6.38 -3.30 16.64
N LEU A 336 5.93 -2.09 16.30
CA LEU A 336 6.83 -1.01 15.94
C LEU A 336 7.83 -0.73 17.06
N ASP A 337 7.35 -0.68 18.30
CA ASP A 337 8.23 -0.40 19.44
C ASP A 337 9.24 -1.53 19.62
N ASN A 338 8.80 -2.78 19.51
CA ASN A 338 9.72 -3.91 19.66
C ASN A 338 10.74 -3.95 18.53
N ASN A 339 10.30 -3.67 17.30
CA ASN A 339 11.23 -3.69 16.17
C ASN A 339 12.21 -2.53 16.24
N PHE A 340 11.73 -1.35 16.67
CA PHE A 340 12.62 -0.21 16.87
C PHE A 340 13.70 -0.55 17.90
N LYS A 341 13.33 -1.31 18.94
CA LYS A 341 14.30 -1.68 19.96
C LYS A 341 15.24 -2.78 19.49
N TYR A 342 14.78 -3.67 18.60
CA TYR A 342 15.66 -4.69 18.06
C TYR A 342 16.76 -4.07 17.21
N TRP A 343 16.39 -3.13 16.33
CA TRP A 343 17.38 -2.46 15.50
C TRP A 343 18.41 -1.72 16.35
N LYS A 344 17.95 -1.03 17.40
CA LYS A 344 18.89 -0.38 18.30
C LYS A 344 19.70 -1.39 19.09
N GLY A 345 19.08 -2.49 19.50
CA GLY A 345 19.79 -3.52 20.26
C GLY A 345 21.00 -4.09 19.57
N LEU A 346 21.07 -3.98 18.24
CA LEU A 346 22.25 -4.42 17.49
C LEU A 346 23.32 -3.33 17.55
N ASP A 347 23.91 -3.19 18.73
CA ASP A 347 25.01 -2.26 18.94
C ASP A 347 25.93 -2.72 20.06
#